data_1WDU
#
_entry.id   1WDU
#
_cell.length_a   64.645
_cell.length_b   64.645
_cell.length_c   117.315
_cell.angle_alpha   90.00
_cell.angle_beta   90.00
_cell.angle_gamma   120.00
#
_symmetry.space_group_name_H-M   'P 32'
#
loop_
_entity.id
_entity.type
_entity.pdbx_description
1 polymer 'TRAS1 ORF2p'
2 non-polymer 'PHOSPHATE ION'
3 non-polymer 'CHLORIDE ION'
4 water water
#
_entity_poly.entity_id   1
_entity_poly.type   'polypeptide(L)'
_entity_poly.pdbx_seq_one_letter_code
;MHGEQWNTTAKVRPKNGPPYRVLQANLQRKKLATAELAIEAATRKAAIALIQEPYVGGAKSMKGFRGVRVFQSTAQGDGT
VKAAIAVFDHDLDVIQYPQLTTNNIVVVGIRTRAWEITLVSYYFEPDKPIESYLEQIKRVERKMGPKRLIFGGDANAKST
WWGSKEDDARGDQLMGTLGELGLHILNEGDVPTFDTIRGGKRYQSRVDVTFCTEDMLDLIDGWRVDEDLVSSDHNGMVFN
IRLQK
;
_entity_poly.pdbx_strand_id   A,B
#
# COMPACT_ATOMS: atom_id res chain seq x y z
N PRO A 18 25.19 -6.44 -32.80
CA PRO A 18 23.81 -5.95 -33.07
C PRO A 18 22.87 -5.90 -31.87
N PRO A 19 23.37 -6.07 -30.63
CA PRO A 19 22.46 -6.03 -29.49
C PRO A 19 22.15 -4.63 -28.97
N TYR A 20 20.87 -4.35 -28.72
CA TYR A 20 20.48 -3.07 -28.16
C TYR A 20 20.63 -3.19 -26.65
N ARG A 21 21.66 -2.58 -26.10
CA ARG A 21 21.88 -2.65 -24.66
C ARG A 21 21.03 -1.64 -23.88
N VAL A 22 20.46 -2.10 -22.77
CA VAL A 22 19.62 -1.25 -21.94
C VAL A 22 20.18 -1.08 -20.52
N LEU A 23 20.17 0.14 -20.02
CA LEU A 23 20.63 0.41 -18.65
C LEU A 23 19.43 0.73 -17.75
N GLN A 24 19.41 0.20 -16.53
CA GLN A 24 18.32 0.48 -15.59
C GLN A 24 18.96 1.03 -14.32
N ALA A 25 18.58 2.23 -13.90
CA ALA A 25 19.18 2.80 -12.71
C ALA A 25 18.38 3.90 -12.02
N ASN A 26 18.41 3.87 -10.70
CA ASN A 26 17.75 4.85 -9.87
C ASN A 26 18.87 5.78 -9.43
N LEU A 27 18.90 6.96 -10.03
CA LEU A 27 19.91 7.99 -9.78
C LEU A 27 19.77 8.75 -8.47
N GLN A 28 18.60 8.66 -7.85
CA GLN A 28 18.32 9.35 -6.59
C GLN A 28 18.50 10.87 -6.62
N ARG A 29 18.27 11.48 -7.78
CA ARG A 29 18.39 12.92 -7.94
C ARG A 29 19.82 13.45 -7.79
N LYS A 30 20.81 12.57 -7.86
CA LYS A 30 22.20 12.97 -7.73
C LYS A 30 22.80 13.47 -9.04
N LYS A 31 23.19 14.74 -9.07
CA LYS A 31 23.78 15.36 -10.26
C LYS A 31 24.94 14.52 -10.77
N LEU A 32 25.72 13.97 -9.84
CA LEU A 32 26.86 13.13 -10.14
C LEU A 32 26.47 11.79 -10.75
N ALA A 33 25.44 11.17 -10.18
CA ALA A 33 24.95 9.89 -10.65
C ALA A 33 24.52 9.96 -12.11
N THR A 34 23.87 11.05 -12.50
CA THR A 34 23.41 11.17 -13.88
C THR A 34 24.60 11.39 -14.82
N ALA A 35 25.70 11.89 -14.28
CA ALA A 35 26.91 12.10 -15.06
C ALA A 35 27.50 10.71 -15.29
N GLU A 36 27.54 9.92 -14.22
CA GLU A 36 28.06 8.56 -14.28
C GLU A 36 27.23 7.75 -15.27
N LEU A 37 25.91 7.92 -15.20
CA LEU A 37 25.00 7.21 -16.10
C LEU A 37 25.38 7.53 -17.55
N ALA A 38 25.57 8.80 -17.86
CA ALA A 38 25.97 9.23 -19.21
C ALA A 38 27.28 8.56 -19.63
N ILE A 39 28.24 8.55 -18.73
CA ILE A 39 29.54 7.94 -18.97
C ILE A 39 29.46 6.46 -19.27
N GLU A 40 28.62 5.75 -18.51
CA GLU A 40 28.42 4.31 -18.67
C GLU A 40 27.74 3.98 -19.99
N ALA A 41 26.77 4.81 -20.37
CA ALA A 41 26.04 4.62 -21.62
C ALA A 41 26.98 4.80 -22.81
N ALA A 42 27.86 5.79 -22.70
CA ALA A 42 28.83 6.05 -23.77
C ALA A 42 29.77 4.84 -23.86
N THR A 43 30.36 4.49 -22.72
CA THR A 43 31.29 3.37 -22.63
C THR A 43 30.70 2.07 -23.14
N ARG A 44 29.57 1.65 -22.56
CA ARG A 44 28.89 0.43 -22.95
C ARG A 44 28.19 0.53 -24.30
N LYS A 45 28.11 1.74 -24.84
CA LYS A 45 27.44 1.97 -26.11
C LYS A 45 26.01 1.47 -25.98
N ALA A 46 25.34 1.96 -24.94
CA ALA A 46 23.96 1.58 -24.66
C ALA A 46 23.01 2.35 -25.56
N ALA A 47 21.88 1.73 -25.88
CA ALA A 47 20.89 2.38 -26.73
C ALA A 47 19.80 3.01 -25.87
N ILE A 48 19.52 2.38 -24.73
CA ILE A 48 18.46 2.81 -23.83
C ILE A 48 18.83 2.85 -22.34
N ALA A 49 18.17 3.73 -21.62
CA ALA A 49 18.36 3.83 -20.18
C ALA A 49 16.97 3.99 -19.55
N LEU A 50 16.63 3.10 -18.63
CA LEU A 50 15.35 3.16 -17.91
C LEU A 50 15.72 3.76 -16.57
N ILE A 51 15.41 5.05 -16.41
CA ILE A 51 15.77 5.81 -15.23
C ILE A 51 14.67 6.09 -14.22
N GLN A 52 15.08 6.27 -12.96
CA GLN A 52 14.19 6.62 -11.88
C GLN A 52 14.89 7.70 -11.08
N GLU A 53 14.14 8.68 -10.62
CA GLU A 53 14.69 9.77 -9.81
C GLU A 53 15.83 10.53 -10.48
N PRO A 54 15.62 11.03 -11.69
CA PRO A 54 16.70 11.78 -12.35
C PRO A 54 16.82 13.15 -11.70
N TYR A 55 17.98 13.78 -11.84
CA TYR A 55 18.16 15.10 -11.26
C TYR A 55 17.55 16.15 -12.18
N VAL A 56 16.76 17.04 -11.60
CA VAL A 56 16.12 18.10 -12.38
C VAL A 56 15.43 17.52 -13.63
N LYS A 63 22.49 18.85 -19.66
CA LYS A 63 23.86 19.00 -19.20
C LYS A 63 24.80 17.98 -19.86
N GLY A 64 24.78 16.74 -19.38
CA GLY A 64 25.63 15.70 -19.94
C GLY A 64 25.03 15.04 -21.17
N PHE A 65 23.71 14.91 -21.19
CA PHE A 65 23.00 14.32 -22.31
C PHE A 65 22.86 15.32 -23.45
N ARG A 66 23.67 15.14 -24.50
CA ARG A 66 23.66 16.04 -25.64
C ARG A 66 22.61 15.64 -26.69
N GLY A 67 22.98 14.75 -27.61
CA GLY A 67 22.05 14.32 -28.64
C GLY A 67 21.20 13.17 -28.15
N VAL A 68 20.88 13.20 -26.86
CA VAL A 68 20.08 12.16 -26.22
C VAL A 68 18.64 12.60 -26.02
N ARG A 69 17.70 11.80 -26.49
CA ARG A 69 16.30 12.14 -26.32
C ARG A 69 15.82 11.60 -24.98
N VAL A 70 15.21 12.47 -24.17
CA VAL A 70 14.72 12.06 -22.87
C VAL A 70 13.22 12.25 -22.75
N PHE A 71 12.55 11.19 -22.31
CA PHE A 71 11.10 11.21 -22.15
C PHE A 71 10.83 11.04 -20.67
N GLN A 72 10.14 12.01 -20.10
CA GLN A 72 9.87 12.02 -18.67
C GLN A 72 8.43 11.79 -18.28
N SER A 73 8.27 11.39 -17.03
CA SER A 73 6.96 11.17 -16.45
C SER A 73 6.49 12.55 -16.02
N THR A 74 5.19 12.67 -15.74
CA THR A 74 4.61 13.95 -15.34
C THR A 74 5.41 14.64 -14.24
N ALA A 75 5.84 15.87 -14.49
CA ALA A 75 6.62 16.63 -13.53
C ALA A 75 5.76 17.17 -12.39
N GLN A 76 6.38 17.31 -11.22
CA GLN A 76 5.70 17.82 -10.04
C GLN A 76 5.91 19.33 -9.96
N GLY A 77 5.16 19.98 -9.07
CA GLY A 77 5.28 21.43 -8.91
C GLY A 77 6.70 21.96 -8.84
N ASP A 78 7.55 21.31 -8.04
CA ASP A 78 8.94 21.74 -7.91
C ASP A 78 9.83 21.24 -9.03
N GLY A 79 9.22 20.63 -10.05
CA GLY A 79 9.98 20.13 -11.18
C GLY A 79 10.44 18.69 -11.06
N THR A 80 10.08 18.04 -9.96
CA THR A 80 10.47 16.64 -9.71
C THR A 80 9.91 15.62 -10.69
N VAL A 81 10.82 14.87 -11.29
CA VAL A 81 10.48 13.81 -12.23
C VAL A 81 10.94 12.51 -11.58
N LYS A 82 10.01 11.58 -11.40
CA LYS A 82 10.34 10.33 -10.74
C LYS A 82 10.83 9.24 -11.70
N ALA A 83 10.46 9.33 -12.96
CA ALA A 83 10.87 8.34 -13.94
C ALA A 83 11.09 8.94 -15.33
N ALA A 84 12.01 8.34 -16.07
CA ALA A 84 12.31 8.80 -17.40
C ALA A 84 12.97 7.72 -18.23
N ILE A 85 12.92 7.91 -19.55
CA ILE A 85 13.53 6.98 -20.45
C ILE A 85 14.46 7.76 -21.39
N ALA A 86 15.74 7.42 -21.36
CA ALA A 86 16.73 8.08 -22.21
C ALA A 86 17.07 7.20 -23.42
N VAL A 87 17.00 7.79 -24.60
CA VAL A 87 17.34 7.06 -25.81
C VAL A 87 18.62 7.67 -26.36
N PHE A 88 19.71 6.91 -26.28
CA PHE A 88 21.00 7.37 -26.78
C PHE A 88 21.20 7.05 -28.26
N ASP A 89 20.44 6.07 -28.75
CA ASP A 89 20.53 5.69 -30.15
C ASP A 89 19.81 6.75 -30.97
N HIS A 90 20.59 7.54 -31.69
CA HIS A 90 20.10 8.65 -32.51
C HIS A 90 19.10 8.31 -33.62
N ASP A 91 19.22 7.11 -34.21
CA ASP A 91 18.33 6.74 -35.31
C ASP A 91 17.14 5.87 -34.96
N LEU A 92 17.14 5.33 -33.75
CA LEU A 92 16.03 4.49 -33.29
C LEU A 92 14.68 5.22 -33.37
N ASP A 93 13.70 4.58 -33.97
CA ASP A 93 12.36 5.15 -34.08
C ASP A 93 11.69 5.12 -32.71
N VAL A 94 11.13 6.25 -32.31
CA VAL A 94 10.48 6.37 -31.01
C VAL A 94 9.05 6.89 -31.10
N ILE A 95 8.20 6.38 -30.22
CA ILE A 95 6.80 6.83 -30.19
C ILE A 95 6.39 7.04 -28.74
N GLN A 96 5.80 8.21 -28.47
CA GLN A 96 5.37 8.55 -27.12
C GLN A 96 3.91 8.21 -26.85
N TYR A 97 3.62 7.89 -25.59
CA TYR A 97 2.25 7.57 -25.21
C TYR A 97 1.84 8.44 -24.02
N PRO A 98 1.53 9.72 -24.28
CA PRO A 98 1.11 10.67 -23.24
C PRO A 98 -0.02 10.13 -22.37
N GLN A 99 -0.94 9.39 -22.97
CA GLN A 99 -2.07 8.82 -22.24
C GLN A 99 -1.65 7.81 -21.18
N LEU A 100 -0.53 7.13 -21.40
CA LEU A 100 -0.09 6.11 -20.46
C LEU A 100 0.90 6.61 -19.43
N THR A 101 1.55 7.72 -19.72
CA THR A 101 2.55 8.27 -18.82
C THR A 101 1.90 9.04 -17.68
N THR A 102 2.44 8.85 -16.48
CA THR A 102 1.94 9.50 -15.28
C THR A 102 3.09 10.11 -14.50
N ASN A 103 2.84 10.39 -13.22
CA ASN A 103 3.85 10.96 -12.34
C ASN A 103 4.80 9.88 -11.83
N ASN A 104 4.45 8.62 -12.07
CA ASN A 104 5.27 7.50 -11.61
C ASN A 104 5.79 6.60 -12.73
N ILE A 105 5.16 6.64 -13.90
CA ILE A 105 5.62 5.83 -15.00
C ILE A 105 5.66 6.61 -16.31
N VAL A 106 6.60 6.21 -17.16
CA VAL A 106 6.72 6.82 -18.48
C VAL A 106 6.81 5.64 -19.44
N VAL A 107 5.97 5.69 -20.47
CA VAL A 107 5.89 4.63 -21.45
C VAL A 107 6.32 5.15 -22.81
N VAL A 108 7.22 4.40 -23.44
CA VAL A 108 7.73 4.78 -24.75
C VAL A 108 7.97 3.57 -25.63
N GLY A 109 7.53 3.66 -26.88
CA GLY A 109 7.74 2.58 -27.82
C GLY A 109 8.98 2.82 -28.67
N ILE A 110 9.68 1.75 -29.03
CA ILE A 110 10.86 1.83 -29.90
C ILE A 110 10.57 0.87 -31.05
N ARG A 111 11.00 1.24 -32.25
CA ARG A 111 10.73 0.43 -33.41
C ARG A 111 11.91 0.29 -34.36
N THR A 112 12.06 -0.90 -34.92
CA THR A 112 13.10 -1.21 -35.90
C THR A 112 12.48 -2.22 -36.87
N ARG A 113 13.19 -2.57 -37.93
CA ARG A 113 12.66 -3.53 -38.92
C ARG A 113 12.32 -4.83 -38.19
N ALA A 114 13.18 -5.21 -37.26
CA ALA A 114 13.05 -6.43 -36.48
C ALA A 114 11.82 -6.51 -35.57
N TRP A 115 11.44 -5.40 -34.96
CA TRP A 115 10.30 -5.39 -34.04
C TRP A 115 9.89 -4.02 -33.54
N GLU A 116 8.87 -4.00 -32.69
CA GLU A 116 8.39 -2.77 -32.07
C GLU A 116 8.14 -3.13 -30.61
N ILE A 117 8.87 -2.47 -29.72
CA ILE A 117 8.76 -2.74 -28.29
C ILE A 117 8.31 -1.56 -27.43
N THR A 118 7.32 -1.81 -26.57
CA THR A 118 6.82 -0.78 -25.67
C THR A 118 7.67 -0.88 -24.40
N LEU A 119 8.34 0.20 -24.05
CA LEU A 119 9.21 0.25 -22.88
C LEU A 119 8.61 1.08 -21.77
N VAL A 120 8.87 0.69 -20.53
CA VAL A 120 8.35 1.48 -19.45
C VAL A 120 9.33 1.58 -18.30
N SER A 121 9.49 2.80 -17.78
CA SER A 121 10.36 3.04 -16.65
C SER A 121 9.40 3.50 -15.55
N TYR A 122 9.52 2.89 -14.38
CA TYR A 122 8.63 3.21 -13.28
C TYR A 122 9.35 3.39 -11.94
N TYR A 123 8.65 4.05 -11.02
CA TYR A 123 9.14 4.29 -9.67
C TYR A 123 7.93 4.37 -8.71
N PHE A 124 7.93 3.49 -7.72
CA PHE A 124 6.86 3.44 -6.73
C PHE A 124 7.40 3.92 -5.38
N GLU A 125 6.82 5.00 -4.84
CA GLU A 125 7.27 5.52 -3.54
C GLU A 125 7.21 4.39 -2.53
N PRO A 126 8.17 4.36 -1.59
CA PRO A 126 8.20 3.30 -0.57
C PRO A 126 7.14 3.54 0.50
N ASP A 127 6.65 4.78 0.58
CA ASP A 127 5.66 5.17 1.58
C ASP A 127 4.27 5.49 1.04
N LYS A 128 3.98 4.99 -0.17
CA LYS A 128 2.69 5.21 -0.82
C LYS A 128 2.10 3.85 -1.21
N PRO A 129 0.76 3.70 -1.12
CA PRO A 129 0.06 2.46 -1.46
C PRO A 129 0.47 1.97 -2.86
N ILE A 130 0.81 0.69 -3.00
CA ILE A 130 1.24 0.18 -4.30
C ILE A 130 0.07 -0.10 -5.23
N GLU A 131 -1.14 -0.17 -4.65
CA GLU A 131 -2.35 -0.43 -5.40
C GLU A 131 -2.55 0.41 -6.67
N SER A 132 -2.52 1.73 -6.54
CA SER A 132 -2.72 2.58 -7.72
C SER A 132 -1.67 2.36 -8.80
N TYR A 133 -0.45 2.03 -8.38
CA TYR A 133 0.62 1.79 -9.33
C TYR A 133 0.41 0.45 -10.06
N LEU A 134 -0.19 -0.52 -9.37
CA LEU A 134 -0.45 -1.81 -9.99
C LEU A 134 -1.53 -1.64 -11.07
N GLU A 135 -2.46 -0.73 -10.81
CA GLU A 135 -3.55 -0.43 -11.77
C GLU A 135 -2.92 0.20 -13.01
N GLN A 136 -1.95 1.08 -12.80
CA GLN A 136 -1.28 1.73 -13.93
C GLN A 136 -0.58 0.66 -14.77
N ILE A 137 -0.03 -0.36 -14.11
CA ILE A 137 0.65 -1.44 -14.85
C ILE A 137 -0.39 -2.16 -15.69
N LYS A 138 -1.55 -2.43 -15.09
CA LYS A 138 -2.64 -3.10 -15.81
C LYS A 138 -3.07 -2.27 -17.01
N ARG A 139 -3.34 -0.99 -16.77
CA ARG A 139 -3.76 -0.07 -17.82
C ARG A 139 -2.80 -0.09 -19.00
N VAL A 140 -1.49 -0.10 -18.71
CA VAL A 140 -0.48 -0.13 -19.76
C VAL A 140 -0.55 -1.46 -20.51
N GLU A 141 -0.68 -2.56 -19.77
CA GLU A 141 -0.73 -3.88 -20.37
C GLU A 141 -1.94 -4.11 -21.30
N ARG A 142 -3.14 -3.73 -20.86
CA ARG A 142 -4.33 -3.95 -21.69
C ARG A 142 -4.44 -2.97 -22.85
N LYS A 143 -4.20 -1.69 -22.58
CA LYS A 143 -4.30 -0.65 -23.57
C LYS A 143 -3.06 -0.62 -24.48
N MET A 144 -2.21 -1.63 -24.36
CA MET A 144 -0.99 -1.66 -25.17
C MET A 144 -0.66 -3.05 -25.72
N GLY A 145 -1.62 -3.96 -25.66
CA GLY A 145 -1.39 -5.31 -26.16
C GLY A 145 -0.66 -6.19 -25.17
N PRO A 146 -0.83 -7.52 -25.26
CA PRO A 146 -0.19 -8.50 -24.37
C PRO A 146 1.17 -8.99 -24.86
N LYS A 147 1.80 -8.24 -25.76
CA LYS A 147 3.10 -8.62 -26.29
C LYS A 147 4.04 -7.43 -26.41
N ARG A 148 5.33 -7.71 -26.53
CA ARG A 148 6.34 -6.68 -26.69
C ARG A 148 6.38 -5.66 -25.56
N LEU A 149 6.27 -6.12 -24.32
CA LEU A 149 6.32 -5.21 -23.19
C LEU A 149 7.54 -5.49 -22.31
N ILE A 150 8.20 -4.42 -21.87
CA ILE A 150 9.36 -4.51 -20.96
C ILE A 150 9.21 -3.41 -19.92
N PHE A 151 9.24 -3.78 -18.65
CA PHE A 151 9.11 -2.82 -17.56
C PHE A 151 10.37 -2.85 -16.74
N GLY A 152 10.79 -1.69 -16.27
CA GLY A 152 11.98 -1.62 -15.43
C GLY A 152 11.86 -0.45 -14.48
N GLY A 153 12.19 -0.69 -13.21
CA GLY A 153 12.14 0.37 -12.24
C GLY A 153 12.38 -0.07 -10.81
N ASP A 154 12.09 0.85 -9.90
CA ASP A 154 12.23 0.63 -8.47
C ASP A 154 10.83 0.42 -7.92
N ALA A 155 10.55 -0.79 -7.46
CA ALA A 155 9.24 -1.10 -6.91
C ALA A 155 9.17 -0.91 -5.40
N ASN A 156 10.33 -0.72 -4.77
CA ASN A 156 10.38 -0.59 -3.32
C ASN A 156 9.49 -1.70 -2.74
N ALA A 157 9.71 -2.92 -3.21
CA ALA A 157 8.94 -4.08 -2.78
C ALA A 157 9.88 -5.27 -2.80
N LYS A 158 9.74 -6.15 -1.82
CA LYS A 158 10.63 -7.29 -1.72
C LYS A 158 9.98 -8.60 -2.08
N SER A 159 10.73 -9.43 -2.80
CA SER A 159 10.27 -10.74 -3.19
C SER A 159 11.44 -11.63 -3.57
N THR A 160 11.44 -12.85 -3.06
CA THR A 160 12.51 -13.78 -3.38
C THR A 160 12.48 -14.10 -4.88
N TRP A 161 11.38 -13.80 -5.55
CA TRP A 161 11.30 -14.05 -6.98
C TRP A 161 12.27 -13.16 -7.76
N TRP A 162 12.72 -12.07 -7.13
CA TRP A 162 13.71 -11.21 -7.75
C TRP A 162 14.91 -11.02 -6.81
N GLY A 163 15.22 -12.10 -6.08
CA GLY A 163 16.37 -12.15 -5.18
C GLY A 163 16.38 -11.45 -3.84
N SER A 164 15.24 -10.91 -3.43
CA SER A 164 15.15 -10.20 -2.16
C SER A 164 15.32 -11.16 -0.98
N LYS A 165 15.67 -10.60 0.18
CA LYS A 165 15.86 -11.41 1.39
C LYS A 165 14.59 -12.17 1.75
N GLU A 166 13.44 -11.57 1.47
CA GLU A 166 12.16 -12.18 1.77
C GLU A 166 11.02 -11.65 0.89
N ASP A 167 9.84 -12.20 1.09
CA ASP A 167 8.66 -11.77 0.34
C ASP A 167 7.81 -10.89 1.25
N ASP A 168 7.82 -9.58 1.04
CA ASP A 168 6.97 -8.75 1.87
C ASP A 168 5.62 -8.59 1.18
N ALA A 169 4.68 -7.91 1.85
CA ALA A 169 3.34 -7.74 1.32
C ALA A 169 3.29 -6.97 0.00
N ARG A 170 4.20 -6.01 -0.17
CA ARG A 170 4.26 -5.26 -1.42
C ARG A 170 4.72 -6.18 -2.56
N GLY A 171 5.76 -6.98 -2.29
CA GLY A 171 6.26 -7.90 -3.29
C GLY A 171 5.16 -8.84 -3.74
N ASP A 172 4.38 -9.32 -2.77
CA ASP A 172 3.25 -10.21 -3.02
C ASP A 172 2.20 -9.57 -3.95
N GLN A 173 1.83 -8.32 -3.68
CA GLN A 173 0.84 -7.65 -4.54
C GLN A 173 1.39 -7.50 -5.95
N LEU A 174 2.66 -7.11 -6.07
CA LEU A 174 3.29 -6.96 -7.39
C LEU A 174 3.32 -8.31 -8.10
N MET A 175 3.76 -9.36 -7.40
CA MET A 175 3.81 -10.69 -8.00
C MET A 175 2.42 -11.12 -8.46
N GLY A 176 1.40 -10.82 -7.65
CA GLY A 176 0.04 -11.19 -7.99
C GLY A 176 -0.36 -10.52 -9.30
N THR A 177 -0.04 -9.23 -9.40
CA THR A 177 -0.33 -8.48 -10.61
C THR A 177 0.44 -9.08 -11.77
N LEU A 178 1.71 -9.40 -11.57
CA LEU A 178 2.49 -9.99 -12.65
C LEU A 178 1.82 -11.27 -13.15
N GLY A 179 1.37 -12.09 -12.21
CA GLY A 179 0.71 -13.34 -12.55
C GLY A 179 -0.52 -13.17 -13.42
N GLU A 180 -1.33 -12.17 -13.11
CA GLU A 180 -2.54 -11.89 -13.89
C GLU A 180 -2.23 -11.42 -15.29
N LEU A 181 -1.12 -10.72 -15.45
CA LEU A 181 -0.74 -10.18 -16.75
C LEU A 181 0.20 -11.06 -17.57
N GLY A 182 0.65 -12.15 -16.99
CA GLY A 182 1.56 -13.02 -17.72
C GLY A 182 2.94 -12.40 -17.85
N LEU A 183 3.27 -11.47 -16.95
CA LEU A 183 4.57 -10.81 -16.96
C LEU A 183 5.60 -11.69 -16.26
N HIS A 184 6.79 -11.77 -16.85
CA HIS A 184 7.84 -12.61 -16.30
C HIS A 184 9.06 -11.84 -15.83
N ILE A 185 9.53 -12.20 -14.65
CA ILE A 185 10.67 -11.57 -14.02
C ILE A 185 11.97 -11.84 -14.77
N LEU A 186 12.77 -10.81 -14.94
CA LEU A 186 14.04 -10.91 -15.63
C LEU A 186 15.20 -10.95 -14.63
N ASN A 187 14.97 -10.41 -13.43
CA ASN A 187 16.01 -10.40 -12.41
C ASN A 187 16.69 -11.75 -12.21
N GLU A 188 17.90 -11.71 -11.68
CA GLU A 188 18.68 -12.91 -11.41
C GLU A 188 19.78 -12.62 -10.40
N GLY A 189 20.23 -13.64 -9.70
CA GLY A 189 21.28 -13.45 -8.72
C GLY A 189 20.77 -12.89 -7.41
N ASP A 190 21.69 -12.42 -6.57
CA ASP A 190 21.34 -11.86 -5.28
C ASP A 190 22.14 -10.60 -4.97
N VAL A 191 22.78 -10.05 -6.00
CA VAL A 191 23.56 -8.83 -5.84
C VAL A 191 22.62 -7.69 -5.46
N PRO A 192 22.89 -7.01 -4.33
CA PRO A 192 22.01 -5.92 -3.90
C PRO A 192 21.90 -4.80 -4.94
N THR A 193 20.68 -4.38 -5.24
CA THR A 193 20.45 -3.31 -6.19
C THR A 193 20.44 -2.02 -5.38
N PHE A 194 20.49 -2.18 -4.06
CA PHE A 194 20.52 -1.05 -3.14
C PHE A 194 21.39 -1.40 -1.94
N ASP A 195 22.43 -0.60 -1.73
CA ASP A 195 23.38 -0.79 -0.65
C ASP A 195 23.64 0.52 0.10
N THR A 196 23.66 0.45 1.42
CA THR A 196 23.90 1.62 2.26
C THR A 196 24.70 1.21 3.50
N ARG A 202 25.57 -1.52 7.98
CA ARG A 202 25.17 -1.31 6.60
C ARG A 202 23.76 -1.87 6.33
N TYR A 203 23.24 -1.64 5.13
CA TYR A 203 21.92 -2.12 4.75
C TYR A 203 21.82 -2.36 3.24
N GLN A 204 21.58 -3.60 2.86
CA GLN A 204 21.45 -3.96 1.45
C GLN A 204 20.08 -4.56 1.15
N SER A 205 19.63 -4.43 -0.10
CA SER A 205 18.34 -4.96 -0.52
C SER A 205 18.20 -5.00 -2.03
N ARG A 206 17.18 -5.71 -2.49
CA ARG A 206 16.89 -5.81 -3.92
C ARG A 206 15.43 -5.42 -4.09
N VAL A 207 15.21 -4.16 -4.44
CA VAL A 207 13.85 -3.65 -4.62
C VAL A 207 13.57 -3.21 -6.06
N ASP A 208 14.58 -3.34 -6.91
CA ASP A 208 14.44 -2.98 -8.32
C ASP A 208 14.05 -4.22 -9.14
N VAL A 209 13.02 -4.10 -9.97
CA VAL A 209 12.57 -5.23 -10.75
C VAL A 209 12.45 -4.91 -12.24
N THR A 210 12.69 -5.93 -13.06
CA THR A 210 12.60 -5.82 -14.51
C THR A 210 11.76 -7.01 -14.94
N PHE A 211 10.69 -6.76 -15.68
CA PHE A 211 9.83 -7.85 -16.14
C PHE A 211 9.28 -7.57 -17.51
N CYS A 212 8.87 -8.62 -18.20
CA CYS A 212 8.36 -8.47 -19.57
C CYS A 212 7.34 -9.52 -19.94
N THR A 213 6.65 -9.28 -21.05
CA THR A 213 5.67 -10.22 -21.56
C THR A 213 6.44 -11.48 -21.95
N GLU A 214 5.75 -12.62 -22.03
CA GLU A 214 6.38 -13.89 -22.37
C GLU A 214 7.21 -13.85 -23.65
N ASP A 215 6.63 -13.28 -24.71
CA ASP A 215 7.30 -13.18 -26.01
C ASP A 215 8.66 -12.47 -25.98
N MET A 216 8.92 -11.68 -24.96
CA MET A 216 10.21 -10.98 -24.88
C MET A 216 11.34 -11.89 -24.47
N LEU A 217 11.02 -12.93 -23.69
CA LEU A 217 12.05 -13.89 -23.33
C LEU A 217 12.41 -14.47 -24.70
N ASP A 218 13.71 -14.64 -24.95
CA ASP A 218 14.23 -15.15 -26.23
C ASP A 218 14.83 -13.99 -27.02
N LEU A 219 14.51 -12.78 -26.58
CA LEU A 219 15.02 -11.55 -27.19
C LEU A 219 15.85 -10.80 -26.17
N ILE A 220 15.88 -11.29 -24.93
CA ILE A 220 16.61 -10.63 -23.87
C ILE A 220 17.62 -11.54 -23.18
N ASP A 221 18.81 -11.01 -22.91
CA ASP A 221 19.83 -11.79 -22.21
C ASP A 221 20.89 -10.89 -21.57
N GLY A 222 21.74 -11.49 -20.74
CA GLY A 222 22.79 -10.73 -20.09
C GLY A 222 22.35 -9.88 -18.93
N TRP A 223 21.17 -10.14 -18.37
CA TRP A 223 20.68 -9.36 -17.23
C TRP A 223 21.64 -9.50 -16.08
N ARG A 224 22.20 -8.38 -15.64
CA ARG A 224 23.13 -8.40 -14.53
C ARG A 224 23.10 -7.07 -13.82
N VAL A 225 23.67 -7.04 -12.63
CA VAL A 225 23.74 -5.82 -11.82
C VAL A 225 25.15 -5.27 -11.81
N ASP A 226 25.32 -4.06 -12.35
CA ASP A 226 26.64 -3.42 -12.33
C ASP A 226 26.95 -3.10 -10.88
N GLU A 227 27.90 -3.84 -10.32
CA GLU A 227 28.32 -3.65 -8.93
C GLU A 227 28.25 -2.17 -8.54
N ASP A 228 28.48 -1.30 -9.52
CA ASP A 228 28.44 0.14 -9.29
C ASP A 228 28.31 0.94 -10.58
N LEU A 229 27.22 0.70 -11.33
CA LEU A 229 26.99 1.43 -12.58
C LEU A 229 26.80 2.90 -12.21
N VAL A 230 26.70 3.14 -10.91
CA VAL A 230 26.50 4.48 -10.37
C VAL A 230 27.00 4.56 -8.92
N SER A 231 26.62 5.64 -8.24
CA SER A 231 27.00 5.87 -6.85
C SER A 231 25.89 6.66 -6.17
N SER A 232 24.78 6.00 -5.88
CA SER A 232 23.65 6.65 -5.22
C SER A 232 22.84 5.61 -4.46
N ASP A 233 23.53 4.82 -3.65
CA ASP A 233 22.89 3.77 -2.84
C ASP A 233 22.24 2.69 -3.69
N HIS A 234 21.95 3.02 -4.96
CA HIS A 234 21.33 2.08 -5.88
C HIS A 234 22.36 1.62 -6.91
N ASN A 235 22.32 0.34 -7.24
CA ASN A 235 23.24 -0.21 -8.23
C ASN A 235 22.56 -0.31 -9.58
N GLY A 236 23.25 0.14 -10.62
CA GLY A 236 22.69 0.07 -11.95
C GLY A 236 22.58 -1.38 -12.43
N MET A 237 21.75 -1.58 -13.45
CA MET A 237 21.55 -2.90 -14.02
C MET A 237 21.66 -2.79 -15.53
N VAL A 238 21.88 -3.94 -16.18
CA VAL A 238 22.05 -3.96 -17.62
C VAL A 238 21.55 -5.25 -18.24
N PHE A 239 21.06 -5.17 -19.47
CA PHE A 239 20.58 -6.33 -20.20
C PHE A 239 20.49 -5.99 -21.68
N ASN A 240 20.36 -7.01 -22.53
CA ASN A 240 20.30 -6.78 -23.98
C ASN A 240 19.01 -7.22 -24.65
N ILE A 241 18.72 -6.58 -25.77
CA ILE A 241 17.56 -6.92 -26.59
C ILE A 241 18.13 -7.26 -27.96
N ARG A 242 17.99 -8.53 -28.37
CA ARG A 242 18.51 -9.00 -29.65
C ARG A 242 17.42 -9.39 -30.63
N LEU A 243 17.54 -10.59 -31.19
CA LEU A 243 16.58 -11.14 -32.15
C LEU A 243 16.52 -12.67 -32.15
N GLN A 244 17.67 -13.32 -31.98
CA GLN A 244 17.77 -14.78 -31.94
C GLN A 244 16.68 -15.49 -32.74
N LYS A 245 16.87 -15.58 -34.06
CA LYS A 245 15.90 -16.23 -34.94
C LYS A 245 16.42 -16.33 -36.37
N PRO B 19 -27.48 4.46 28.09
CA PRO B 19 -26.44 5.13 27.27
C PRO B 19 -25.12 4.36 27.26
N TYR B 20 -25.03 3.34 26.41
CA TYR B 20 -23.80 2.56 26.34
C TYR B 20 -22.73 3.32 25.56
N ARG B 21 -21.62 3.62 26.23
CA ARG B 21 -20.53 4.36 25.61
C ARG B 21 -19.47 3.42 25.04
N VAL B 22 -18.99 3.76 23.85
CA VAL B 22 -17.98 2.98 23.16
C VAL B 22 -16.73 3.77 22.83
N LEU B 23 -15.59 3.11 22.98
CA LEU B 23 -14.29 3.71 22.69
C LEU B 23 -13.65 2.94 21.55
N GLN B 24 -13.00 3.67 20.65
CA GLN B 24 -12.31 3.06 19.51
C GLN B 24 -10.93 3.71 19.40
N ALA B 25 -9.88 2.89 19.42
CA ALA B 25 -8.54 3.44 19.35
C ALA B 25 -7.45 2.44 19.03
N ASN B 26 -6.48 2.93 18.26
CA ASN B 26 -5.32 2.16 17.86
C ASN B 26 -4.26 2.47 18.93
N LEU B 27 -3.96 1.51 19.80
CA LEU B 27 -3.00 1.70 20.88
C LEU B 27 -1.53 1.66 20.44
N GLN B 28 -1.29 1.34 19.17
CA GLN B 28 0.06 1.30 18.64
C GLN B 28 1.01 0.38 19.42
N ARG B 29 0.45 -0.66 20.02
CA ARG B 29 1.25 -1.62 20.78
C ARG B 29 1.95 -1.04 21.99
N LYS B 30 1.53 0.15 22.43
CA LYS B 30 2.14 0.80 23.59
C LYS B 30 1.49 0.33 24.88
N LYS B 31 2.32 0.10 25.90
CA LYS B 31 1.85 -0.32 27.21
C LYS B 31 1.12 0.85 27.85
N LEU B 32 1.72 2.03 27.72
CA LEU B 32 1.17 3.25 28.27
C LEU B 32 -0.23 3.52 27.74
N ALA B 33 -0.37 3.53 26.42
CA ALA B 33 -1.66 3.79 25.78
C ALA B 33 -2.72 2.80 26.27
N THR B 34 -2.33 1.53 26.43
CA THR B 34 -3.27 0.53 26.89
C THR B 34 -3.85 0.90 28.24
N ALA B 35 -2.97 1.21 29.19
CA ALA B 35 -3.38 1.60 30.53
C ALA B 35 -4.28 2.84 30.50
N GLU B 36 -3.89 3.83 29.70
CA GLU B 36 -4.67 5.05 29.59
C GLU B 36 -6.08 4.75 29.12
N LEU B 37 -6.19 3.83 28.17
CA LEU B 37 -7.49 3.45 27.63
C LEU B 37 -8.38 2.88 28.76
N ALA B 38 -7.77 2.13 29.67
CA ALA B 38 -8.52 1.54 30.78
C ALA B 38 -8.98 2.62 31.75
N ILE B 39 -8.12 3.61 32.00
CA ILE B 39 -8.48 4.70 32.91
C ILE B 39 -9.62 5.50 32.30
N GLU B 40 -9.48 5.86 31.02
CA GLU B 40 -10.53 6.61 30.33
C GLU B 40 -11.85 5.86 30.42
N ALA B 41 -11.79 4.56 30.15
CA ALA B 41 -12.99 3.71 30.18
C ALA B 41 -13.70 3.78 31.52
N ALA B 42 -12.94 3.71 32.61
CA ALA B 42 -13.51 3.77 33.95
C ALA B 42 -13.99 5.20 34.20
N THR B 43 -13.14 6.17 33.88
CA THR B 43 -13.45 7.58 34.04
C THR B 43 -14.71 8.01 33.27
N ARG B 44 -14.86 7.48 32.05
CA ARG B 44 -16.01 7.81 31.22
C ARG B 44 -17.17 6.82 31.37
N LYS B 45 -16.97 5.77 32.14
CA LYS B 45 -18.00 4.76 32.33
C LYS B 45 -18.30 4.10 30.97
N ALA B 46 -17.25 3.87 30.18
CA ALA B 46 -17.40 3.23 28.87
C ALA B 46 -17.66 1.73 29.05
N ALA B 47 -18.57 1.20 28.25
CA ALA B 47 -18.90 -0.22 28.33
C ALA B 47 -18.07 -1.05 27.36
N ILE B 48 -17.69 -0.46 26.23
CA ILE B 48 -16.95 -1.19 25.22
C ILE B 48 -15.77 -0.42 24.65
N ALA B 49 -14.81 -1.17 24.10
CA ALA B 49 -13.65 -0.58 23.47
C ALA B 49 -13.27 -1.43 22.26
N LEU B 50 -13.30 -0.80 21.08
CA LEU B 50 -12.92 -1.47 19.84
C LEU B 50 -11.46 -1.08 19.65
N ILE B 51 -10.59 -2.00 20.04
CA ILE B 51 -9.15 -1.82 20.02
C ILE B 51 -8.35 -2.33 18.82
N GLN B 52 -7.39 -1.52 18.38
CA GLN B 52 -6.52 -1.87 17.27
C GLN B 52 -5.09 -1.96 17.83
N GLU B 53 -4.31 -2.92 17.33
CA GLU B 53 -2.93 -3.10 17.75
C GLU B 53 -2.65 -2.91 19.24
N PRO B 54 -3.27 -3.74 20.09
CA PRO B 54 -3.09 -3.64 21.54
C PRO B 54 -1.72 -4.15 21.98
N TYR B 55 -1.19 -3.54 23.04
CA TYR B 55 0.11 -3.96 23.57
C TYR B 55 0.10 -5.43 23.96
N VAL B 56 1.07 -6.18 23.43
CA VAL B 56 1.21 -7.62 23.71
C VAL B 56 -0.14 -8.32 23.81
N PHE B 65 -5.53 -3.88 32.24
CA PHE B 65 -6.87 -4.44 32.45
C PHE B 65 -6.88 -5.53 33.52
N ARG B 66 -7.97 -5.58 34.29
CA ARG B 66 -8.11 -6.57 35.36
C ARG B 66 -9.46 -7.28 35.28
N GLY B 67 -10.49 -6.72 35.92
CA GLY B 67 -11.80 -7.35 35.88
C GLY B 67 -12.50 -7.02 34.56
N VAL B 68 -11.68 -6.85 33.52
CA VAL B 68 -12.18 -6.52 32.20
C VAL B 68 -11.95 -7.69 31.23
N ARG B 69 -13.00 -8.03 30.48
CA ARG B 69 -12.95 -9.11 29.53
C ARG B 69 -12.43 -8.65 28.18
N VAL B 70 -11.36 -9.27 27.72
CA VAL B 70 -10.76 -8.92 26.44
C VAL B 70 -10.88 -10.08 25.44
N PHE B 71 -11.53 -9.80 24.31
CA PHE B 71 -11.71 -10.80 23.26
C PHE B 71 -10.78 -10.37 22.13
N GLN B 72 -9.83 -11.24 21.79
CA GLN B 72 -8.83 -10.93 20.79
C GLN B 72 -8.89 -11.73 19.51
N SER B 73 -8.22 -11.19 18.50
CA SER B 73 -8.12 -11.81 17.19
C SER B 73 -6.99 -12.84 17.30
N THR B 74 -6.84 -13.67 16.27
CA THR B 74 -5.79 -14.68 16.29
C THR B 74 -4.41 -14.05 16.49
N ALA B 75 -3.65 -14.56 17.45
CA ALA B 75 -2.30 -14.06 17.72
C ALA B 75 -1.44 -14.41 16.51
N GLN B 76 -0.61 -13.46 16.07
CA GLN B 76 0.23 -13.67 14.89
C GLN B 76 1.27 -14.77 15.04
N GLY B 77 2.36 -14.48 15.75
CA GLY B 77 3.41 -15.47 15.93
C GLY B 77 4.07 -15.35 17.29
N ASP B 78 3.40 -14.64 18.20
CA ASP B 78 3.91 -14.42 19.56
C ASP B 78 2.91 -13.57 20.33
N GLY B 79 1.65 -13.98 20.34
CA GLY B 79 0.63 -13.21 21.03
C GLY B 79 0.51 -11.84 20.39
N THR B 80 0.70 -11.80 19.07
CA THR B 80 0.63 -10.55 18.31
C THR B 80 -0.79 -10.34 17.80
N VAL B 81 -1.58 -9.62 18.59
CA VAL B 81 -2.98 -9.34 18.26
C VAL B 81 -3.08 -8.00 17.53
N LYS B 82 -3.75 -8.01 16.38
CA LYS B 82 -3.93 -6.79 15.61
C LYS B 82 -5.19 -6.05 16.06
N ALA B 83 -6.18 -6.80 16.53
CA ALA B 83 -7.43 -6.20 16.96
C ALA B 83 -8.04 -6.88 18.19
N ALA B 84 -8.76 -6.11 18.99
CA ALA B 84 -9.37 -6.64 20.19
C ALA B 84 -10.62 -5.87 20.54
N ILE B 85 -11.48 -6.49 21.33
CA ILE B 85 -12.69 -5.86 21.81
C ILE B 85 -12.69 -6.04 23.32
N ALA B 86 -12.65 -4.92 24.04
CA ALA B 86 -12.63 -4.95 25.49
C ALA B 86 -14.02 -4.67 26.05
N VAL B 87 -14.51 -5.56 26.92
CA VAL B 87 -15.82 -5.36 27.53
C VAL B 87 -15.62 -4.99 29.01
N PHE B 88 -15.94 -3.75 29.37
CA PHE B 88 -15.78 -3.26 30.74
C PHE B 88 -16.97 -3.53 31.63
N ASP B 89 -18.16 -3.58 31.04
CA ASP B 89 -19.40 -3.82 31.75
C ASP B 89 -19.54 -5.28 32.20
N HIS B 90 -19.26 -5.50 33.48
CA HIS B 90 -19.30 -6.82 34.12
C HIS B 90 -20.59 -7.63 33.96
N ASP B 91 -21.72 -6.97 33.77
CA ASP B 91 -23.00 -7.67 33.66
C ASP B 91 -23.48 -7.92 32.25
N LEU B 92 -22.72 -7.45 31.28
CA LEU B 92 -23.07 -7.62 29.88
C LEU B 92 -22.79 -9.05 29.43
N ASP B 93 -23.79 -9.72 28.84
CA ASP B 93 -23.59 -11.07 28.33
C ASP B 93 -22.87 -10.94 26.99
N VAL B 94 -21.87 -11.79 26.78
CA VAL B 94 -21.09 -11.74 25.58
C VAL B 94 -21.10 -13.08 24.84
N ILE B 95 -20.95 -12.99 23.52
CA ILE B 95 -20.93 -14.16 22.66
C ILE B 95 -19.80 -14.03 21.64
N GLN B 96 -18.85 -14.96 21.70
CA GLN B 96 -17.72 -14.99 20.78
C GLN B 96 -18.13 -15.72 19.51
N TYR B 97 -17.33 -15.54 18.45
CA TYR B 97 -17.57 -16.17 17.15
C TYR B 97 -16.22 -16.55 16.55
N PRO B 98 -15.63 -17.66 17.01
CA PRO B 98 -14.33 -18.17 16.56
C PRO B 98 -14.21 -18.39 15.05
N GLN B 99 -15.35 -18.59 14.40
CA GLN B 99 -15.40 -18.80 12.96
C GLN B 99 -15.26 -17.51 12.17
N LEU B 100 -15.48 -16.38 12.84
CA LEU B 100 -15.39 -15.07 12.21
C LEU B 100 -14.14 -14.32 12.66
N THR B 101 -13.73 -14.54 13.90
CA THR B 101 -12.55 -13.87 14.43
C THR B 101 -11.30 -14.35 13.72
N THR B 102 -10.48 -13.40 13.24
CA THR B 102 -9.27 -13.75 12.52
C THR B 102 -8.07 -13.04 13.12
N ASN B 103 -7.03 -12.88 12.30
CA ASN B 103 -5.83 -12.20 12.74
C ASN B 103 -6.01 -10.70 12.62
N ASN B 104 -6.96 -10.30 11.80
CA ASN B 104 -7.23 -8.89 11.57
C ASN B 104 -8.55 -8.38 12.14
N ILE B 105 -9.52 -9.29 12.36
CA ILE B 105 -10.79 -8.85 12.90
C ILE B 105 -11.34 -9.70 14.03
N VAL B 106 -12.05 -9.05 14.93
CA VAL B 106 -12.67 -9.72 16.08
C VAL B 106 -14.17 -9.43 16.05
N VAL B 107 -14.98 -10.47 16.17
CA VAL B 107 -16.42 -10.28 16.15
C VAL B 107 -16.98 -10.76 17.47
N VAL B 108 -17.81 -9.94 18.08
CA VAL B 108 -18.39 -10.29 19.36
C VAL B 108 -19.80 -9.74 19.49
N GLY B 109 -20.68 -10.54 20.07
CA GLY B 109 -22.04 -10.11 20.26
C GLY B 109 -22.26 -9.77 21.72
N ILE B 110 -23.02 -8.73 21.97
CA ILE B 110 -23.34 -8.34 23.34
C ILE B 110 -24.86 -8.37 23.41
N ARG B 111 -25.41 -8.88 24.51
CA ARG B 111 -26.86 -8.88 24.65
C ARG B 111 -27.42 -8.78 26.05
N THR B 112 -28.71 -8.51 26.10
CA THR B 112 -29.47 -8.40 27.35
C THR B 112 -30.77 -9.13 27.04
N ARG B 113 -31.64 -9.27 28.03
CA ARG B 113 -32.90 -9.96 27.80
C ARG B 113 -33.82 -9.11 26.90
N ALA B 114 -33.30 -8.00 26.38
CA ALA B 114 -34.08 -7.11 25.55
C ALA B 114 -33.52 -6.83 24.16
N TRP B 115 -32.19 -6.90 24.02
CA TRP B 115 -31.57 -6.61 22.73
C TRP B 115 -30.24 -7.32 22.49
N GLU B 116 -29.83 -7.36 21.23
CA GLU B 116 -28.58 -8.01 20.86
C GLU B 116 -27.90 -7.27 19.69
N ILE B 117 -26.61 -6.98 19.86
CA ILE B 117 -25.82 -6.30 18.84
C ILE B 117 -24.47 -7.00 18.60
N THR B 118 -24.02 -6.97 17.35
CA THR B 118 -22.74 -7.57 17.01
C THR B 118 -21.71 -6.48 16.76
N LEU B 119 -20.63 -6.54 17.53
CA LEU B 119 -19.55 -5.59 17.43
C LEU B 119 -18.34 -6.24 16.76
N VAL B 120 -17.59 -5.45 16.01
CA VAL B 120 -16.40 -5.99 15.38
C VAL B 120 -15.31 -4.94 15.31
N SER B 121 -14.12 -5.32 15.75
CA SER B 121 -12.97 -4.46 15.73
C SER B 121 -12.10 -5.04 14.62
N TYR B 122 -11.50 -4.16 13.81
CA TYR B 122 -10.69 -4.64 12.71
C TYR B 122 -9.43 -3.81 12.49
N TYR B 123 -8.42 -4.45 11.92
CA TYR B 123 -7.17 -3.79 11.61
C TYR B 123 -6.68 -4.28 10.26
N PHE B 124 -6.52 -3.38 9.31
CA PHE B 124 -6.04 -3.78 7.98
C PHE B 124 -4.59 -3.34 7.74
N GLU B 125 -3.72 -4.29 7.42
CA GLU B 125 -2.32 -3.97 7.13
C GLU B 125 -2.31 -2.99 5.96
N PRO B 126 -1.51 -1.92 6.05
CA PRO B 126 -1.43 -0.94 4.96
C PRO B 126 -0.88 -1.44 3.63
N ASP B 127 -0.18 -2.57 3.64
CA ASP B 127 0.41 -3.11 2.42
C ASP B 127 -0.15 -4.45 1.98
N LYS B 128 -1.16 -4.92 2.68
CA LYS B 128 -1.80 -6.18 2.32
C LYS B 128 -2.99 -5.77 1.47
N PRO B 129 -3.27 -6.52 0.39
CA PRO B 129 -4.42 -6.14 -0.43
C PRO B 129 -5.67 -6.11 0.44
N ILE B 130 -6.48 -5.07 0.29
CA ILE B 130 -7.69 -4.92 1.09
C ILE B 130 -8.81 -5.86 0.65
N GLU B 131 -8.63 -6.45 -0.54
CA GLU B 131 -9.62 -7.37 -1.11
C GLU B 131 -9.98 -8.54 -0.19
N SER B 132 -8.97 -9.21 0.38
CA SER B 132 -9.28 -10.34 1.26
C SER B 132 -9.97 -9.87 2.53
N TYR B 133 -9.65 -8.65 2.96
CA TYR B 133 -10.26 -8.07 4.15
C TYR B 133 -11.72 -7.77 3.85
N LEU B 134 -11.98 -7.25 2.66
CA LEU B 134 -13.33 -6.94 2.23
C LEU B 134 -14.16 -8.21 2.21
N GLU B 135 -13.53 -9.33 1.83
CA GLU B 135 -14.23 -10.59 1.80
C GLU B 135 -14.64 -10.99 3.21
N GLN B 136 -13.73 -10.88 4.17
CA GLN B 136 -14.05 -11.22 5.56
C GLN B 136 -15.25 -10.40 6.06
N ILE B 137 -15.26 -9.12 5.73
CA ILE B 137 -16.33 -8.22 6.15
C ILE B 137 -17.66 -8.69 5.56
N LYS B 138 -17.64 -9.03 4.27
CA LYS B 138 -18.84 -9.49 3.60
C LYS B 138 -19.31 -10.76 4.30
N ARG B 139 -18.36 -11.63 4.66
CA ARG B 139 -18.65 -12.88 5.35
C ARG B 139 -19.38 -12.59 6.67
N VAL B 140 -18.85 -11.65 7.44
CA VAL B 140 -19.47 -11.28 8.71
C VAL B 140 -20.89 -10.81 8.43
N GLU B 141 -21.04 -9.97 7.43
CA GLU B 141 -22.34 -9.44 7.02
C GLU B 141 -23.30 -10.56 6.64
N ARG B 142 -22.75 -11.64 6.08
CA ARG B 142 -23.57 -12.77 5.67
C ARG B 142 -24.03 -13.59 6.86
N LYS B 143 -23.09 -14.18 7.58
CA LYS B 143 -23.40 -15.01 8.74
C LYS B 143 -24.22 -14.30 9.81
N MET B 144 -23.94 -13.02 10.04
CA MET B 144 -24.65 -12.25 11.07
C MET B 144 -25.91 -11.56 10.59
N GLY B 145 -26.12 -11.51 9.28
CA GLY B 145 -27.30 -10.86 8.75
C GLY B 145 -27.14 -9.35 8.70
N PRO B 146 -27.80 -8.68 7.75
CA PRO B 146 -27.75 -7.22 7.56
C PRO B 146 -28.41 -6.38 8.67
N LYS B 147 -28.40 -6.88 9.89
CA LYS B 147 -29.01 -6.16 11.00
C LYS B 147 -28.07 -5.97 12.20
N ARG B 148 -28.25 -4.86 12.92
CA ARG B 148 -27.47 -4.55 14.12
C ARG B 148 -25.98 -4.90 14.08
N LEU B 149 -25.27 -4.30 13.13
CA LEU B 149 -23.84 -4.53 12.99
C LEU B 149 -23.05 -3.25 13.12
N ILE B 150 -22.03 -3.27 13.98
CA ILE B 150 -21.18 -2.11 14.14
C ILE B 150 -19.73 -2.53 13.93
N PHE B 151 -19.02 -1.79 13.08
CA PHE B 151 -17.62 -2.06 12.77
C PHE B 151 -16.78 -0.84 13.14
N GLY B 152 -15.67 -1.07 13.83
CA GLY B 152 -14.76 0.00 14.23
C GLY B 152 -13.33 -0.49 14.09
N GLY B 153 -12.50 0.30 13.43
CA GLY B 153 -11.11 -0.10 13.26
C GLY B 153 -10.29 0.82 12.37
N ASP B 154 -9.08 0.35 12.07
CA ASP B 154 -8.10 1.05 11.26
C ASP B 154 -8.08 0.38 9.90
N ALA B 155 -8.55 1.09 8.88
CA ALA B 155 -8.60 0.52 7.53
C ALA B 155 -7.37 0.81 6.68
N ASN B 156 -6.52 1.74 7.13
CA ASN B 156 -5.36 2.12 6.33
C ASN B 156 -5.79 2.31 4.87
N ALA B 157 -6.91 3.01 4.71
CA ALA B 157 -7.48 3.30 3.40
C ALA B 157 -7.95 4.75 3.41
N LYS B 158 -7.73 5.46 2.32
CA LYS B 158 -8.14 6.86 2.31
C LYS B 158 -9.37 7.18 1.47
N SER B 159 -10.32 7.86 2.09
CA SER B 159 -11.52 8.28 1.38
C SER B 159 -12.12 9.54 2.00
N THR B 160 -12.36 10.52 1.16
CA THR B 160 -12.94 11.79 1.56
C THR B 160 -14.32 11.52 2.18
N TRP B 161 -14.89 10.35 1.87
CA TRP B 161 -16.17 10.04 2.46
C TRP B 161 -16.06 9.85 3.98
N TRP B 162 -14.87 9.60 4.49
CA TRP B 162 -14.72 9.49 5.94
C TRP B 162 -13.72 10.54 6.45
N GLY B 163 -13.63 11.65 5.73
CA GLY B 163 -12.75 12.75 6.09
C GLY B 163 -11.29 12.70 5.66
N SER B 164 -10.92 11.72 4.83
CA SER B 164 -9.53 11.60 4.39
C SER B 164 -9.07 12.74 3.48
N LYS B 165 -7.76 12.95 3.41
CA LYS B 165 -7.16 13.99 2.58
C LYS B 165 -7.48 13.78 1.11
N GLU B 166 -7.71 12.52 0.74
CA GLU B 166 -7.98 12.19 -0.65
C GLU B 166 -8.63 10.81 -0.76
N ASP B 167 -9.02 10.46 -1.98
CA ASP B 167 -9.61 9.17 -2.24
C ASP B 167 -8.53 8.31 -2.90
N ASP B 168 -8.03 7.29 -2.22
CA ASP B 168 -7.04 6.43 -2.88
C ASP B 168 -7.69 5.13 -3.32
N ALA B 169 -6.93 4.30 -4.02
CA ALA B 169 -7.46 3.04 -4.54
C ALA B 169 -8.09 2.17 -3.46
N ARG B 170 -7.45 2.12 -2.29
CA ARG B 170 -7.96 1.30 -1.19
C ARG B 170 -9.26 1.84 -0.62
N GLY B 171 -9.34 3.17 -0.46
CA GLY B 171 -10.54 3.80 0.04
C GLY B 171 -11.68 3.55 -0.92
N ASP B 172 -11.43 3.69 -2.21
CA ASP B 172 -12.49 3.44 -3.19
C ASP B 172 -12.99 2.00 -3.13
N GLN B 173 -12.10 1.03 -2.98
CA GLN B 173 -12.55 -0.36 -2.88
C GLN B 173 -13.44 -0.56 -1.65
N LEU B 174 -12.97 -0.09 -0.49
CA LEU B 174 -13.73 -0.24 0.74
C LEU B 174 -15.09 0.45 0.64
N MET B 175 -15.13 1.65 0.06
CA MET B 175 -16.39 2.38 -0.11
C MET B 175 -17.32 1.58 -1.02
N GLY B 176 -16.75 1.07 -2.11
CA GLY B 176 -17.55 0.29 -3.03
C GLY B 176 -18.16 -0.90 -2.31
N THR B 177 -17.42 -1.48 -1.36
CA THR B 177 -17.91 -2.63 -0.62
C THR B 177 -18.94 -2.23 0.42
N LEU B 178 -18.77 -1.06 1.01
CA LEU B 178 -19.71 -0.59 2.02
C LEU B 178 -21.09 -0.36 1.38
N GLY B 179 -21.07 0.28 0.20
CA GLY B 179 -22.31 0.56 -0.51
C GLY B 179 -23.00 -0.74 -0.86
N GLU B 180 -22.25 -1.68 -1.41
CA GLU B 180 -22.76 -2.99 -1.80
C GLU B 180 -23.36 -3.74 -0.60
N LEU B 181 -22.74 -3.60 0.56
CA LEU B 181 -23.18 -4.28 1.78
C LEU B 181 -24.27 -3.56 2.57
N GLY B 182 -24.56 -2.32 2.21
CA GLY B 182 -25.57 -1.57 2.95
C GLY B 182 -25.05 -1.02 4.27
N LEU B 183 -23.72 -0.92 4.40
CA LEU B 183 -23.08 -0.38 5.62
C LEU B 183 -22.93 1.13 5.49
N HIS B 184 -23.07 1.83 6.60
CA HIS B 184 -22.99 3.29 6.59
C HIS B 184 -21.92 3.88 7.49
N ILE B 185 -21.21 4.87 6.93
CA ILE B 185 -20.13 5.55 7.61
C ILE B 185 -20.63 6.40 8.76
N LEU B 186 -19.97 6.28 9.91
CA LEU B 186 -20.36 7.05 11.09
C LEU B 186 -19.43 8.24 11.30
N ASN B 187 -18.25 8.16 10.66
CA ASN B 187 -17.26 9.23 10.73
C ASN B 187 -17.87 10.58 10.37
N GLU B 188 -17.52 11.60 11.15
CA GLU B 188 -17.98 12.98 10.95
C GLU B 188 -16.78 13.91 10.98
N GLY B 189 -16.87 15.01 10.23
CA GLY B 189 -15.80 16.00 10.25
C GLY B 189 -14.48 15.64 9.60
N ASP B 190 -13.45 16.43 9.94
CA ASP B 190 -12.12 16.27 9.37
C ASP B 190 -11.00 16.25 10.40
N VAL B 191 -11.34 16.07 11.67
CA VAL B 191 -10.30 16.02 12.70
C VAL B 191 -9.49 14.74 12.47
N PRO B 192 -8.18 14.89 12.18
CA PRO B 192 -7.31 13.74 11.93
C PRO B 192 -7.31 12.73 13.09
N THR B 193 -7.20 11.45 12.75
CA THR B 193 -7.19 10.40 13.77
C THR B 193 -5.76 9.95 14.03
N PHE B 194 -4.83 10.51 13.26
CA PHE B 194 -3.42 10.20 13.39
C PHE B 194 -2.60 11.45 13.09
N ASP B 195 -1.83 11.89 14.09
CA ASP B 195 -1.02 13.08 13.97
C ASP B 195 0.37 12.79 14.53
N THR B 196 1.38 12.81 13.68
CA THR B 196 2.74 12.54 14.14
C THR B 196 3.73 13.51 13.53
N ILE B 197 4.68 13.95 14.34
CA ILE B 197 5.71 14.87 13.88
C ILE B 197 6.95 14.03 13.56
N ARG B 198 7.04 13.59 12.30
CA ARG B 198 8.15 12.75 11.87
C ARG B 198 9.31 13.56 11.28
N GLY B 199 10.31 13.83 12.11
CA GLY B 199 11.47 14.58 11.67
C GLY B 199 11.18 15.85 10.89
N GLY B 200 10.72 16.88 11.59
CA GLY B 200 10.43 18.14 10.92
C GLY B 200 9.21 18.11 10.02
N LYS B 201 9.00 16.98 9.34
CA LYS B 201 7.86 16.83 8.44
C LYS B 201 6.68 16.11 9.09
N ARG B 202 5.79 16.89 9.69
CA ARG B 202 4.60 16.39 10.37
C ARG B 202 3.72 15.60 9.38
N TYR B 203 2.86 14.74 9.91
CA TYR B 203 1.96 13.95 9.08
C TYR B 203 0.63 13.73 9.79
N GLN B 204 -0.47 13.91 9.06
CA GLN B 204 -1.80 13.72 9.61
C GLN B 204 -2.64 12.86 8.68
N SER B 205 -3.52 12.04 9.23
CA SER B 205 -4.36 11.20 8.40
C SER B 205 -5.69 10.83 9.06
N ARG B 206 -6.62 10.41 8.23
CA ARG B 206 -7.96 9.96 8.63
C ARG B 206 -8.07 8.60 7.94
N VAL B 207 -7.64 7.56 8.64
CA VAL B 207 -7.65 6.23 8.05
C VAL B 207 -8.48 5.23 8.86
N ASP B 208 -9.14 5.74 9.90
CA ASP B 208 -9.98 4.93 10.76
C ASP B 208 -11.45 5.11 10.36
N VAL B 209 -12.17 4.00 10.26
CA VAL B 209 -13.57 4.11 9.91
C VAL B 209 -14.48 3.27 10.81
N THR B 210 -15.58 3.89 11.21
CA THR B 210 -16.59 3.26 12.04
C THR B 210 -17.84 3.19 11.16
N PHE B 211 -18.33 1.99 10.86
CA PHE B 211 -19.54 1.87 10.04
C PHE B 211 -20.54 0.86 10.58
N CYS B 212 -21.79 0.97 10.13
CA CYS B 212 -22.83 0.08 10.63
C CYS B 212 -23.99 -0.16 9.67
N THR B 213 -24.83 -1.13 10.01
CA THR B 213 -25.98 -1.43 9.20
C THR B 213 -26.95 -0.27 9.35
N GLU B 214 -27.86 -0.15 8.39
CA GLU B 214 -28.87 0.92 8.36
C GLU B 214 -29.63 1.10 9.68
N ASP B 215 -30.12 -0.01 10.23
CA ASP B 215 -30.90 0.02 11.46
C ASP B 215 -30.21 0.68 12.66
N MET B 216 -28.89 0.57 12.73
CA MET B 216 -28.16 1.14 13.85
C MET B 216 -27.97 2.66 13.80
N LEU B 217 -28.19 3.27 12.63
CA LEU B 217 -28.03 4.72 12.49
C LEU B 217 -28.87 5.50 13.50
N ASP B 218 -30.08 5.01 13.79
CA ASP B 218 -30.95 5.68 14.74
C ASP B 218 -30.47 5.51 16.18
N LEU B 219 -29.86 4.36 16.45
CA LEU B 219 -29.37 4.03 17.80
C LEU B 219 -27.97 4.55 18.14
N ILE B 220 -27.34 5.30 17.24
CA ILE B 220 -25.98 5.80 17.49
C ILE B 220 -25.90 7.31 17.37
N ASP B 221 -25.11 7.93 18.22
CA ASP B 221 -24.93 9.37 18.22
C ASP B 221 -23.65 9.78 18.96
N GLY B 222 -23.26 11.04 18.80
CA GLY B 222 -22.07 11.55 19.47
C GLY B 222 -20.73 11.10 18.91
N TRP B 223 -20.70 10.46 17.76
CA TRP B 223 -19.42 10.03 17.19
C TRP B 223 -18.50 11.23 17.06
N ARG B 224 -17.30 11.11 17.62
CA ARG B 224 -16.33 12.20 17.52
C ARG B 224 -14.91 11.72 17.79
N VAL B 225 -13.94 12.45 17.23
CA VAL B 225 -12.53 12.14 17.46
C VAL B 225 -12.18 12.85 18.78
N ASP B 226 -11.22 12.31 19.54
CA ASP B 226 -10.86 12.94 20.79
C ASP B 226 -9.53 13.68 20.79
N GLU B 227 -8.44 12.91 20.80
CA GLU B 227 -7.06 13.43 20.81
C GLU B 227 -6.48 13.38 22.23
N ASP B 228 -7.35 13.43 23.23
CA ASP B 228 -6.92 13.36 24.62
C ASP B 228 -7.44 12.06 25.26
N LEU B 229 -7.59 11.04 24.43
CA LEU B 229 -8.08 9.74 24.89
C LEU B 229 -6.88 8.88 25.25
N VAL B 230 -5.86 8.93 24.39
CA VAL B 230 -4.63 8.18 24.61
C VAL B 230 -3.42 8.98 24.17
N SER B 231 -2.23 8.48 24.48
CA SER B 231 -0.97 9.14 24.14
C SER B 231 -0.54 8.94 22.70
N SER B 232 -0.51 7.69 22.25
CA SER B 232 -0.09 7.36 20.89
C SER B 232 -0.45 8.44 19.86
N ASP B 233 0.37 8.54 18.81
CA ASP B 233 0.16 9.50 17.73
C ASP B 233 -1.30 9.48 17.25
N HIS B 234 -1.96 8.35 17.50
CA HIS B 234 -3.35 8.16 17.11
C HIS B 234 -4.32 8.84 18.05
N ASN B 235 -5.45 9.26 17.49
CA ASN B 235 -6.50 9.88 18.29
C ASN B 235 -7.63 8.87 18.30
N GLY B 236 -8.17 8.59 19.48
CA GLY B 236 -9.26 7.65 19.57
C GLY B 236 -10.55 8.31 19.19
N MET B 237 -11.61 7.52 19.10
CA MET B 237 -12.93 8.03 18.76
C MET B 237 -13.94 7.57 19.82
N VAL B 238 -15.09 8.23 19.84
CA VAL B 238 -16.13 7.96 20.83
C VAL B 238 -17.51 8.08 20.16
N PHE B 239 -18.46 7.30 20.66
CA PHE B 239 -19.82 7.36 20.18
C PHE B 239 -20.72 6.59 21.15
N ASN B 240 -22.02 6.88 21.13
CA ASN B 240 -22.96 6.21 22.03
C ASN B 240 -23.93 5.31 21.28
N ILE B 241 -24.37 4.25 21.96
CA ILE B 241 -25.34 3.34 21.40
C ILE B 241 -26.54 3.49 22.34
N ARG B 242 -27.68 3.90 21.81
CA ARG B 242 -28.88 4.09 22.62
C ARG B 242 -29.64 2.80 22.83
N LEU B 243 -29.48 2.22 24.02
CA LEU B 243 -30.13 0.97 24.37
C LEU B 243 -30.60 1.06 25.83
N GLN B 244 -29.91 1.91 26.59
CA GLN B 244 -30.19 2.15 28.02
C GLN B 244 -30.86 1.00 28.77
N LYS B 245 -30.05 0.04 29.20
CA LYS B 245 -30.54 -1.13 29.93
C LYS B 245 -31.76 -1.74 29.25
#